data_1HQR
#
_entry.id   1HQR
#
_cell.length_a   61.827
_cell.length_b   111.950
_cell.length_c   216.617
_cell.angle_alpha   90.00
_cell.angle_beta   90.00
_cell.angle_gamma   90.00
#
_symmetry.space_group_name_H-M   'I 2 2 2'
#
loop_
_entity.id
_entity.type
_entity.pdbx_description
1 polymer 'HLA-DR ALPHA CHAIN'
2 polymer 'HLA-DR BETA CHAIN'
3 polymer 'MYELIN BASIC PROTEIN'
4 polymer 'STREPTOCOCCAL PYROGENIC EXOTOXIN C'
5 non-polymer 'ZINC ION'
#
loop_
_entity_poly.entity_id
_entity_poly.type
_entity_poly.pdbx_seq_one_letter_code
_entity_poly.pdbx_strand_id
1 'polypeptide(L)'
;IKEEHVIIQAEFYLNPDQSGEFMFDFDGDEIFHVDMAKKETVWRLEEFGRFASFEAQGALANIAVDKANLEIMTKRSNYT
PITNVPPEVTVLTNSPVELREPNVLICFIDKFTPPVVNVTWLRNGKPVTTGVSETVFLPREDHLFRKFHYLPFLPSTEDV
YDCRVEHWGLDEPLLKHWEFD
;
A
2 'polypeptide(L)'
;GDTRPRFLQQDKYECHFFNGTERVRFLHRDIYNQEEDLRFDSDVGEYRAVTELGRPDAEYWNSQKDFLEDRRAAVDTYCR
HNYGVGESFTVQRRVEPKVTVYPARTQTLQHHNLLVCSVNGFYPGSIEVRWFRNSQEEKAGVVSTGLIQNGDWTFQTLVM
LETVPRSGEVYTCQVEHPSVTSPLTVEWRA
;
B
3 'polypeptide(L)' VHFFKNIVTPRTP C
4 'polypeptide(L)'
;DSKKDISNVKSDLLYAYTITPYDYKDCRVNFSTTHTLNIDTQKYRGKDYYISSEMSYEASQKFKRDDHVDVFGLFYILNS
HTGEYIYGGITPAQNNKVNHKLLGNLFISGESQQNLNNKIILEKDIVTFQEIDFKIRKYLMDNYKIYDATSPYVSGRIEI
GTKDGKHEQIDLFDSPNEGTRSDIFAKYKDNRIINMKNFSHFDIYLEK
;
D
#
# COMPACT_ATOMS: atom_id res chain seq x y z
N GLU A 3 -5.14 -14.04 8.33
CA GLU A 3 -4.68 -12.67 7.95
C GLU A 3 -3.29 -12.71 7.29
N GLU A 4 -3.26 -12.74 5.96
CA GLU A 4 -2.00 -12.77 5.22
C GLU A 4 -1.14 -11.51 5.33
N HIS A 5 -1.76 -10.33 5.24
CA HIS A 5 -1.01 -9.10 5.31
C HIS A 5 -1.85 -7.94 5.84
N VAL A 6 -1.19 -7.04 6.56
CA VAL A 6 -1.81 -5.84 7.13
C VAL A 6 -0.97 -4.59 6.92
N ILE A 7 -1.59 -3.56 6.35
CA ILE A 7 -0.94 -2.28 6.13
C ILE A 7 -1.63 -1.33 7.09
N ILE A 8 -0.85 -0.56 7.84
CA ILE A 8 -1.37 0.39 8.82
C ILE A 8 -0.80 1.79 8.66
N GLN A 9 -1.70 2.76 8.60
CA GLN A 9 -1.33 4.15 8.50
C GLN A 9 -1.43 4.63 9.94
N ALA A 10 -0.28 4.71 10.60
CA ALA A 10 -0.22 5.09 12.00
C ALA A 10 0.28 6.49 12.19
N GLU A 11 -0.50 7.31 12.88
CA GLU A 11 -0.10 8.68 13.12
C GLU A 11 -0.49 9.15 14.51
N PHE A 12 0.40 9.91 15.15
CA PHE A 12 0.11 10.43 16.47
C PHE A 12 0.50 11.89 16.61
N TYR A 13 0.05 12.50 17.69
CA TYR A 13 0.38 13.88 18.01
C TYR A 13 0.44 13.97 19.53
N LEU A 14 1.50 14.54 20.06
CA LEU A 14 1.66 14.63 21.49
C LEU A 14 1.85 16.07 21.98
N ASN A 15 1.53 16.28 23.25
CA ASN A 15 1.67 17.57 23.90
C ASN A 15 2.13 17.30 25.33
N PRO A 16 2.82 18.28 25.94
CA PRO A 16 3.21 19.58 25.38
C PRO A 16 4.39 19.51 24.43
N ASP A 17 4.72 18.31 23.97
CA ASP A 17 5.85 18.17 23.07
C ASP A 17 5.55 18.75 21.71
N GLN A 18 4.29 18.74 21.33
CA GLN A 18 3.93 19.29 20.03
C GLN A 18 4.74 18.61 18.93
N SER A 19 4.72 17.29 18.93
CA SER A 19 5.46 16.55 17.92
C SER A 19 4.57 15.45 17.34
N GLY A 20 4.47 15.46 16.03
CA GLY A 20 3.65 14.45 15.38
C GLY A 20 4.54 13.41 14.74
N GLU A 21 3.91 12.49 14.04
CA GLU A 21 4.61 11.43 13.35
C GLU A 21 3.56 10.80 12.46
N PHE A 22 3.96 10.42 11.26
CA PHE A 22 3.03 9.80 10.33
C PHE A 22 3.81 8.69 9.64
N MET A 23 3.20 7.52 9.49
CA MET A 23 3.92 6.43 8.86
C MET A 23 3.03 5.27 8.46
N PHE A 24 3.58 4.41 7.60
CA PHE A 24 2.90 3.23 7.11
C PHE A 24 3.64 2.04 7.59
N ASP A 25 2.92 1.12 8.23
CA ASP A 25 3.52 -0.09 8.77
C ASP A 25 3.01 -1.30 7.97
N PHE A 26 3.90 -1.98 7.26
CA PHE A 26 3.48 -3.16 6.51
C PHE A 26 3.94 -4.42 7.21
N ASP A 27 2.99 -5.32 7.45
CA ASP A 27 3.28 -6.59 8.10
C ASP A 27 4.29 -6.51 9.22
N GLY A 28 4.55 -5.31 9.70
CA GLY A 28 5.51 -5.13 10.78
C GLY A 28 6.49 -3.99 10.60
N ASP A 29 7.03 -3.84 9.42
CA ASP A 29 8.02 -2.80 9.17
C ASP A 29 7.48 -1.48 8.68
N GLU A 30 8.27 -0.43 8.84
CA GLU A 30 7.91 0.90 8.42
C GLU A 30 8.16 1.03 6.92
N ILE A 31 7.11 1.10 6.11
CA ILE A 31 7.30 1.27 4.69
C ILE A 31 7.98 2.65 4.55
N PHE A 32 7.42 3.66 5.20
CA PHE A 32 7.99 4.98 5.12
C PHE A 32 7.35 5.92 6.14
N HIS A 33 7.97 7.09 6.35
CA HIS A 33 7.43 8.07 7.27
C HIS A 33 7.69 9.47 6.73
N VAL A 34 6.86 10.41 7.16
CA VAL A 34 6.95 11.81 6.74
C VAL A 34 7.66 12.57 7.85
N ASP A 35 8.58 13.46 7.48
CA ASP A 35 9.29 14.24 8.48
C ASP A 35 8.65 15.61 8.63
N MET A 36 8.11 15.88 9.81
CA MET A 36 7.46 17.15 10.06
C MET A 36 8.50 18.29 10.00
N ALA A 37 9.77 17.94 10.22
CA ALA A 37 10.86 18.93 10.20
C ALA A 37 11.22 19.42 8.81
N LYS A 38 11.51 18.49 7.89
CA LYS A 38 11.87 18.86 6.53
C LYS A 38 10.71 18.73 5.56
N LYS A 39 9.57 18.24 6.04
CA LYS A 39 8.40 18.06 5.18
C LYS A 39 8.82 17.27 3.95
N GLU A 40 9.31 16.05 4.17
CA GLU A 40 9.76 15.20 3.07
C GLU A 40 9.59 13.72 3.41
N THR A 41 8.87 12.98 2.58
CA THR A 41 8.65 11.57 2.82
C THR A 41 9.99 10.80 2.82
N VAL A 42 10.21 10.06 3.90
CA VAL A 42 11.44 9.29 4.12
C VAL A 42 11.23 7.78 4.13
N TRP A 43 11.78 7.12 3.11
CA TRP A 43 11.65 5.67 2.95
C TRP A 43 12.52 4.82 3.88
N ARG A 44 11.95 3.80 4.50
CA ARG A 44 12.73 2.96 5.39
C ARG A 44 13.81 2.31 4.56
N LEU A 45 13.51 2.06 3.29
CA LEU A 45 14.47 1.48 2.35
C LEU A 45 14.60 2.43 1.15
N GLU A 46 15.71 3.17 1.13
CA GLU A 46 15.98 4.13 0.09
C GLU A 46 15.53 3.70 -1.31
N GLU A 47 15.55 2.39 -1.56
CA GLU A 47 15.18 1.84 -2.87
C GLU A 47 13.69 1.94 -3.15
N PHE A 48 12.88 1.96 -2.10
CA PHE A 48 11.43 2.05 -2.27
C PHE A 48 11.02 3.24 -3.13
N GLY A 49 11.65 4.39 -2.86
CA GLY A 49 11.34 5.60 -3.58
C GLY A 49 11.38 5.41 -5.09
N ARG A 50 12.12 4.41 -5.53
CA ARG A 50 12.20 4.18 -6.95
C ARG A 50 10.94 3.47 -7.40
N PHE A 51 10.22 2.89 -6.46
CA PHE A 51 9.02 2.15 -6.80
C PHE A 51 7.70 2.85 -6.48
N ALA A 52 7.77 3.91 -5.69
CA ALA A 52 6.54 4.61 -5.37
C ALA A 52 6.76 5.99 -4.78
N SER A 53 5.75 6.84 -4.93
CA SER A 53 5.84 8.19 -4.42
C SER A 53 4.66 8.51 -3.50
N PHE A 54 4.85 9.50 -2.64
CA PHE A 54 3.85 9.94 -1.67
C PHE A 54 3.98 11.42 -1.31
N GLU A 55 2.97 12.22 -1.66
CA GLU A 55 2.97 13.65 -1.38
C GLU A 55 3.10 13.99 0.10
N ALA A 56 4.33 14.26 0.51
CA ALA A 56 4.64 14.60 1.90
C ALA A 56 3.66 15.60 2.46
N GLN A 57 3.38 16.64 1.69
CA GLN A 57 2.45 17.66 2.15
C GLN A 57 1.21 17.04 2.76
N GLY A 58 0.75 15.95 2.15
CA GLY A 58 -0.46 15.30 2.62
C GLY A 58 -0.52 14.90 4.08
N ALA A 59 0.55 14.27 4.55
CA ALA A 59 0.63 13.81 5.93
C ALA A 59 0.59 14.95 6.94
N LEU A 60 1.23 16.06 6.61
CA LEU A 60 1.24 17.20 7.51
C LEU A 60 -0.15 17.74 7.76
N ALA A 61 -1.02 17.64 6.76
CA ALA A 61 -2.40 18.11 6.89
C ALA A 61 -3.05 17.38 8.03
N ASN A 62 -3.07 16.06 7.94
CA ASN A 62 -3.63 15.21 8.98
C ASN A 62 -3.07 15.60 10.34
N ILE A 63 -1.75 15.62 10.45
CA ILE A 63 -1.08 15.98 11.69
C ILE A 63 -1.74 17.22 12.26
N ALA A 64 -1.93 18.23 11.43
CA ALA A 64 -2.57 19.45 11.89
C ALA A 64 -3.87 19.03 12.56
N VAL A 65 -4.74 18.41 11.78
CA VAL A 65 -6.02 17.93 12.27
C VAL A 65 -5.85 17.16 13.57
N ASP A 66 -4.92 16.21 13.59
CA ASP A 66 -4.64 15.37 14.77
C ASP A 66 -4.36 16.18 16.01
N LYS A 67 -3.52 17.20 15.86
CA LYS A 67 -3.20 18.07 16.99
C LYS A 67 -4.52 18.55 17.55
N ALA A 68 -5.30 19.22 16.70
CA ALA A 68 -6.60 19.72 17.09
C ALA A 68 -7.41 18.65 17.83
N ASN A 69 -7.56 17.46 17.27
CA ASN A 69 -8.32 16.43 17.97
C ASN A 69 -7.77 16.20 19.38
N LEU A 70 -6.46 16.35 19.54
CA LEU A 70 -5.84 16.17 20.84
C LEU A 70 -6.40 17.18 21.85
N GLU A 71 -6.44 18.45 21.44
CA GLU A 71 -6.97 19.52 22.27
C GLU A 71 -8.42 19.21 22.64
N ILE A 72 -9.23 19.02 21.60
CA ILE A 72 -10.63 18.71 21.78
C ILE A 72 -10.87 17.41 22.55
N MET A 73 -9.86 16.55 22.64
CA MET A 73 -10.04 15.31 23.40
C MET A 73 -9.44 15.44 24.79
N THR A 74 -8.40 16.25 24.89
CA THR A 74 -7.71 16.46 26.15
C THR A 74 -8.71 16.97 27.17
N LYS A 75 -9.46 17.98 26.76
CA LYS A 75 -10.47 18.60 27.61
C LYS A 75 -11.57 17.59 27.87
N ARG A 76 -12.23 17.15 26.81
CA ARG A 76 -13.30 16.18 26.92
C ARG A 76 -13.03 15.10 27.96
N SER A 77 -11.75 14.75 28.16
CA SER A 77 -11.38 13.72 29.14
C SER A 77 -11.13 14.31 30.53
N ASN A 78 -11.53 15.55 30.71
CA ASN A 78 -11.34 16.23 31.98
C ASN A 78 -9.87 16.07 32.35
N TYR A 79 -9.03 16.64 31.48
CA TYR A 79 -7.58 16.65 31.60
C TYR A 79 -6.92 15.47 32.31
N THR A 80 -6.97 14.31 31.67
CA THR A 80 -6.33 13.14 32.24
C THR A 80 -5.17 12.76 31.31
N PRO A 81 -3.93 12.96 31.77
CA PRO A 81 -2.72 12.66 31.01
C PRO A 81 -2.55 11.21 30.60
N ILE A 82 -1.34 10.88 30.16
CA ILE A 82 -1.03 9.52 29.73
C ILE A 82 -0.15 8.83 30.75
N THR A 83 -0.63 7.68 31.22
CA THR A 83 0.09 6.87 32.20
C THR A 83 1.44 6.44 31.65
N ASN A 84 2.53 7.02 32.13
CA ASN A 84 3.82 6.58 31.62
C ASN A 84 3.83 5.06 31.65
N VAL A 85 4.51 4.46 30.67
CA VAL A 85 4.60 3.01 30.57
C VAL A 85 6.03 2.72 30.21
N PRO A 86 6.78 2.15 31.16
CA PRO A 86 8.19 1.85 30.93
C PRO A 86 8.45 1.00 29.70
N PRO A 87 9.62 1.20 29.08
CA PRO A 87 10.09 0.50 27.89
C PRO A 87 10.96 -0.70 28.28
N GLU A 88 10.72 -1.83 27.62
CA GLU A 88 11.52 -3.03 27.89
C GLU A 88 12.65 -3.04 26.85
N VAL A 89 13.85 -2.65 27.28
CA VAL A 89 14.99 -2.58 26.37
C VAL A 89 15.50 -3.97 26.02
N THR A 90 16.54 -4.06 25.21
CA THR A 90 17.13 -5.34 24.80
C THR A 90 18.14 -5.15 23.66
N VAL A 91 19.29 -5.82 23.73
CA VAL A 91 20.29 -5.63 22.69
C VAL A 91 20.79 -6.89 21.98
N LEU A 92 20.22 -7.14 20.80
CA LEU A 92 20.59 -8.27 19.96
C LEU A 92 21.69 -7.81 19.00
N THR A 93 22.02 -8.66 18.03
CA THR A 93 23.05 -8.33 17.05
C THR A 93 22.61 -8.65 15.62
N ASN A 94 22.93 -7.74 14.70
CA ASN A 94 22.56 -7.88 13.30
C ASN A 94 23.01 -9.19 12.73
N SER A 95 24.15 -9.67 13.19
CA SER A 95 24.70 -10.92 12.68
C SER A 95 25.69 -11.52 13.67
N PRO A 96 25.94 -12.84 13.55
CA PRO A 96 26.87 -13.54 14.44
C PRO A 96 28.17 -12.76 14.52
N VAL A 97 28.48 -12.27 15.70
CA VAL A 97 29.68 -11.49 15.89
C VAL A 97 30.95 -12.29 15.57
N GLU A 98 31.85 -11.67 14.83
CA GLU A 98 33.12 -12.30 14.47
C GLU A 98 34.19 -11.21 14.31
N LEU A 99 35.19 -11.24 15.18
CA LEU A 99 36.29 -10.26 15.21
C LEU A 99 36.61 -9.44 13.99
N ARG A 100 36.63 -8.12 14.19
CA ARG A 100 36.94 -7.13 13.16
C ARG A 100 35.92 -7.02 12.03
N GLU A 101 35.34 -8.15 11.63
CA GLU A 101 34.36 -8.14 10.55
C GLU A 101 33.13 -7.33 10.95
N PRO A 102 32.96 -6.16 10.32
CA PRO A 102 31.89 -5.17 10.52
C PRO A 102 30.57 -5.79 10.91
N ASN A 103 29.85 -5.12 11.81
CA ASN A 103 28.57 -5.63 12.27
C ASN A 103 27.67 -4.50 12.72
N VAL A 104 26.58 -4.84 13.39
CA VAL A 104 25.65 -3.83 13.88
C VAL A 104 25.02 -4.26 15.20
N LEU A 105 25.01 -3.34 16.15
CA LEU A 105 24.40 -3.61 17.43
C LEU A 105 23.00 -3.02 17.34
N ILE A 106 21.99 -3.81 17.66
CA ILE A 106 20.63 -3.29 17.62
C ILE A 106 20.09 -3.18 19.04
N CYS A 107 19.52 -2.02 19.35
CA CYS A 107 18.97 -1.78 20.67
C CYS A 107 17.46 -1.67 20.49
N PHE A 108 16.77 -2.78 20.63
CA PHE A 108 15.31 -2.85 20.48
C PHE A 108 14.54 -2.39 21.71
N ILE A 109 13.93 -1.21 21.61
CA ILE A 109 13.12 -0.64 22.67
C ILE A 109 11.68 -1.00 22.34
N ASP A 110 10.97 -1.61 23.27
CA ASP A 110 9.62 -2.05 22.97
C ASP A 110 8.66 -1.95 24.16
N LYS A 111 7.37 -1.88 23.85
CA LYS A 111 6.33 -1.81 24.86
C LYS A 111 6.28 -0.55 25.72
N PHE A 112 6.77 0.58 25.20
CA PHE A 112 6.71 1.84 25.95
C PHE A 112 5.63 2.68 25.28
N THR A 113 5.02 3.61 25.99
CA THR A 113 3.96 4.37 25.34
C THR A 113 4.17 5.83 25.05
N PRO A 114 4.69 6.61 26.00
CA PRO A 114 4.83 8.00 25.55
C PRO A 114 5.94 7.96 24.49
N PRO A 115 5.58 8.06 23.21
CA PRO A 115 6.60 8.00 22.18
C PRO A 115 7.62 9.13 22.31
N VAL A 116 8.36 9.12 23.40
CA VAL A 116 9.39 10.11 23.63
C VAL A 116 10.48 9.31 24.30
N VAL A 117 11.69 9.40 23.79
CA VAL A 117 12.79 8.60 24.34
C VAL A 117 14.11 9.29 24.10
N ASN A 118 15.14 8.82 24.77
CA ASN A 118 16.48 9.33 24.61
C ASN A 118 17.36 8.11 24.68
N VAL A 119 18.22 7.92 23.68
CA VAL A 119 19.10 6.77 23.64
C VAL A 119 20.55 7.20 23.44
N THR A 120 21.45 6.68 24.27
CA THR A 120 22.87 7.01 24.16
C THR A 120 23.70 5.73 24.03
N TRP A 121 24.66 5.73 23.10
CA TRP A 121 25.53 4.58 22.90
C TRP A 121 26.88 4.75 23.61
N LEU A 122 27.36 3.67 24.23
CA LEU A 122 28.64 3.74 24.94
C LEU A 122 29.63 2.61 24.65
N ARG A 123 30.86 3.01 24.33
CA ARG A 123 31.98 2.10 24.06
C ARG A 123 33.02 2.31 25.19
N ASN A 124 33.38 1.24 25.91
CA ASN A 124 34.34 1.37 27.00
C ASN A 124 33.68 2.19 28.13
N GLY A 125 32.89 3.20 27.74
CA GLY A 125 32.23 4.03 28.74
C GLY A 125 31.87 5.44 28.26
N LYS A 126 32.73 6.02 27.42
CA LYS A 126 32.49 7.34 26.89
C LYS A 126 31.48 7.19 25.76
N PRO A 127 30.54 8.15 25.64
CA PRO A 127 29.51 8.13 24.61
C PRO A 127 30.04 8.07 23.19
N VAL A 128 29.31 7.39 22.32
CA VAL A 128 29.68 7.27 20.92
C VAL A 128 28.52 7.84 20.12
N THR A 129 28.81 8.44 18.97
CA THR A 129 27.77 9.00 18.13
C THR A 129 27.48 8.03 16.99
N GLY A 131 27.93 7.64 13.89
CA GLY A 131 26.88 8.66 13.64
C GLY A 131 25.51 8.16 14.05
N VAL A 132 24.47 8.89 13.65
CA VAL A 132 23.10 8.50 14.00
C VAL A 132 22.67 7.19 13.33
N SER A 133 21.41 6.83 13.55
CA SER A 133 20.81 5.63 13.00
C SER A 133 19.75 5.14 13.98
N GLU A 134 18.49 5.30 13.59
CA GLU A 134 17.36 4.90 14.40
C GLU A 134 16.08 4.94 13.56
N THR A 135 15.05 4.23 14.02
CA THR A 135 13.78 4.21 13.31
C THR A 135 12.81 5.15 14.02
N VAL A 136 11.58 5.24 13.52
CA VAL A 136 10.59 6.08 14.14
C VAL A 136 9.68 5.17 14.96
N PHE A 137 8.94 5.76 15.89
CA PHE A 137 8.07 4.99 16.75
C PHE A 137 7.11 4.11 15.97
N LEU A 138 7.38 2.81 15.99
CA LEU A 138 6.53 1.85 15.30
C LEU A 138 5.39 1.52 16.24
N PRO A 139 4.21 1.19 15.71
CA PRO A 139 3.07 0.86 16.58
C PRO A 139 2.98 -0.59 17.01
N ARG A 140 2.30 -0.84 18.14
CA ARG A 140 2.09 -2.19 18.67
C ARG A 140 0.59 -2.39 18.79
N GLU A 141 0.12 -3.59 18.45
CA GLU A 141 -1.30 -3.92 18.51
C GLU A 141 -2.03 -3.45 19.78
N ASP A 142 -1.28 -3.08 20.80
CA ASP A 142 -1.85 -2.61 22.06
C ASP A 142 -1.68 -1.10 22.24
N HIS A 143 -1.36 -0.43 21.13
CA HIS A 143 -1.19 1.03 21.09
C HIS A 143 -0.03 1.60 21.87
N LEU A 144 0.95 0.75 22.14
CA LEU A 144 2.16 1.14 22.83
C LEU A 144 3.15 1.34 21.70
N PHE A 145 4.45 1.34 21.98
CA PHE A 145 5.41 1.52 20.89
C PHE A 145 6.64 0.64 21.00
N ARG A 146 7.40 0.59 19.92
CA ARG A 146 8.64 -0.16 19.88
C ARG A 146 9.51 0.59 18.88
N LYS A 147 10.74 0.89 19.27
CA LYS A 147 11.64 1.64 18.42
C LYS A 147 12.97 0.90 18.35
N PHE A 148 13.61 0.94 17.18
CA PHE A 148 14.89 0.27 16.97
C PHE A 148 16.03 1.25 16.81
N HIS A 149 17.05 1.17 17.66
CA HIS A 149 18.19 2.04 17.53
C HIS A 149 19.37 1.23 17.05
N TYR A 150 20.26 1.86 16.29
CA TYR A 150 21.41 1.14 15.74
C TYR A 150 22.78 1.71 16.01
N LEU A 151 23.78 0.85 15.84
CA LEU A 151 25.18 1.19 16.06
C LEU A 151 26.07 0.19 15.35
N PRO A 152 26.76 0.61 14.30
CA PRO A 152 27.67 -0.29 13.58
C PRO A 152 29.00 -0.30 14.32
N PHE A 153 29.48 -1.48 14.66
CA PHE A 153 30.74 -1.59 15.38
C PHE A 153 31.64 -2.64 14.77
N LEU A 154 32.90 -2.63 15.18
CA LEU A 154 33.86 -3.62 14.69
C LEU A 154 34.20 -4.49 15.88
N PRO A 155 33.58 -5.67 15.95
CA PRO A 155 33.84 -6.58 17.07
C PRO A 155 35.29 -6.64 17.54
N SER A 156 35.43 -6.92 18.82
CA SER A 156 36.71 -7.04 19.48
C SER A 156 36.44 -7.96 20.66
N THR A 157 37.08 -7.68 21.78
CA THR A 157 36.89 -8.46 23.00
C THR A 157 37.18 -7.52 24.15
N GLU A 158 37.91 -6.45 23.83
CA GLU A 158 38.29 -5.43 24.79
C GLU A 158 37.08 -4.54 25.07
N ASP A 159 36.49 -4.02 24.01
CA ASP A 159 35.33 -3.13 24.12
C ASP A 159 34.07 -3.77 24.72
N VAL A 160 33.31 -2.95 25.44
CA VAL A 160 32.08 -3.39 26.08
C VAL A 160 31.05 -2.31 25.80
N TYR A 161 30.20 -2.55 24.80
CA TYR A 161 29.19 -1.56 24.42
C TYR A 161 27.98 -1.39 25.35
N ASP A 162 27.42 -0.20 25.32
CA ASP A 162 26.27 0.15 26.14
C ASP A 162 25.18 0.98 25.45
N CYS A 163 23.93 0.56 25.67
CA CYS A 163 22.76 1.25 25.13
C CYS A 163 22.05 1.91 26.32
N ARG A 164 22.14 3.25 26.39
CA ARG A 164 21.52 4.02 27.48
C ARG A 164 20.18 4.64 27.09
N VAL A 165 19.09 3.99 27.50
CA VAL A 165 17.73 4.43 27.20
C VAL A 165 17.15 5.33 28.27
N GLU A 166 16.71 6.53 27.88
CA GLU A 166 16.11 7.47 28.82
C GLU A 166 14.65 7.70 28.49
N HIS A 167 13.77 7.33 29.41
CA HIS A 167 12.33 7.46 29.24
C HIS A 167 11.67 7.97 30.52
N TRP A 168 10.57 8.69 30.40
CA TRP A 168 9.88 9.17 31.61
C TRP A 168 9.16 7.98 32.22
N GLY A 169 9.85 6.85 32.35
CA GLY A 169 9.22 5.70 32.94
C GLY A 169 10.01 5.19 34.11
N LEU A 170 11.31 5.08 33.89
CA LEU A 170 12.24 4.61 34.89
C LEU A 170 12.75 5.84 35.62
N ASP A 171 12.81 5.78 36.95
CA ASP A 171 13.31 6.95 37.69
C ASP A 171 14.82 7.04 37.55
N GLU A 172 15.40 6.11 36.80
CA GLU A 172 16.85 6.07 36.54
C GLU A 172 17.05 5.53 35.13
N PRO A 173 17.99 6.12 34.36
CA PRO A 173 18.23 5.67 32.99
C PRO A 173 18.40 4.16 32.93
N LEU A 174 18.09 3.56 31.79
CA LEU A 174 18.21 2.12 31.65
C LEU A 174 19.46 1.82 30.83
N LEU A 175 20.35 1.03 31.40
CA LEU A 175 21.59 0.66 30.73
C LEU A 175 21.56 -0.80 30.29
N LYS A 176 22.36 -1.12 29.26
CA LYS A 176 22.48 -2.49 28.75
C LYS A 176 23.91 -2.77 28.29
N HIS A 177 24.50 -3.84 28.81
CA HIS A 177 25.86 -4.23 28.49
C HIS A 177 25.90 -5.21 27.33
N TRP A 178 27.06 -5.32 26.71
CA TRP A 178 27.25 -6.23 25.60
C TRP A 178 28.72 -6.26 25.18
N GLU A 179 29.23 -7.47 24.89
CA GLU A 179 30.60 -7.66 24.45
C GLU A 179 30.81 -9.07 23.91
N PHE A 180 31.83 -9.21 23.07
CA PHE A 180 32.15 -10.51 22.47
C PHE A 180 32.37 -11.55 23.55
N ASP A 181 31.53 -12.58 23.53
CA ASP A 181 31.61 -13.68 24.50
C ASP A 181 31.38 -13.22 25.93
N ASP B 2 11.36 16.96 34.40
CA ASP B 2 10.14 16.80 33.57
C ASP B 2 9.05 16.06 34.30
N THR B 3 7.98 16.77 34.62
CA THR B 3 6.83 16.22 35.32
C THR B 3 5.58 16.62 34.54
N ARG B 4 5.79 17.47 33.53
CA ARG B 4 4.69 17.93 32.68
C ARG B 4 4.00 16.71 32.11
N PRO B 5 2.69 16.60 32.30
CA PRO B 5 1.88 15.49 31.80
C PRO B 5 1.87 15.51 30.29
N ARG B 6 1.55 14.38 29.67
CA ARG B 6 1.50 14.33 28.21
C ARG B 6 0.13 13.84 27.78
N PHE B 7 -0.40 14.41 26.72
CA PHE B 7 -1.71 14.04 26.23
C PHE B 7 -1.50 13.58 24.80
N LEU B 8 -1.78 12.30 24.56
CA LEU B 8 -1.56 11.69 23.25
C LEU B 8 -2.81 11.49 22.42
N GLN B 9 -2.63 11.45 21.10
CA GLN B 9 -3.74 11.22 20.18
C GLN B 9 -3.25 10.41 19.00
N GLN B 10 -3.57 9.12 19.01
CA GLN B 10 -3.16 8.21 17.95
C GLN B 10 -4.29 7.85 17.01
N ASP B 11 -3.95 7.77 15.73
CA ASP B 11 -4.91 7.41 14.71
C ASP B 11 -4.33 6.32 13.86
N LYS B 12 -5.04 5.21 13.79
CA LYS B 12 -4.57 4.10 13.02
C LYS B 12 -5.60 3.70 11.97
N TYR B 13 -5.23 3.87 10.71
CA TYR B 13 -6.08 3.46 9.62
C TYR B 13 -5.39 2.19 9.15
N GLU B 14 -6.08 1.06 9.30
CA GLU B 14 -5.52 -0.23 8.94
C GLU B 14 -6.30 -1.03 7.93
N CYS B 15 -5.55 -1.76 7.10
CA CYS B 15 -6.09 -2.59 6.05
C CYS B 15 -5.71 -4.05 6.31
N HIS B 16 -6.69 -4.94 6.27
CA HIS B 16 -6.42 -6.37 6.47
C HIS B 16 -6.75 -7.14 5.20
N PHE B 17 -5.77 -7.84 4.65
CA PHE B 17 -5.99 -8.60 3.43
C PHE B 17 -6.08 -10.09 3.66
N PHE B 18 -7.02 -10.72 2.96
CA PHE B 18 -7.28 -12.15 3.06
C PHE B 18 -7.24 -12.78 1.66
N ASN B 19 -6.43 -13.84 1.52
CA ASN B 19 -6.23 -14.53 0.24
C ASN B 19 -5.89 -13.49 -0.81
N GLY B 20 -4.68 -12.95 -0.71
CA GLY B 20 -4.25 -11.93 -1.63
C GLY B 20 -5.11 -10.73 -1.35
N THR B 21 -5.92 -10.33 -2.31
CA THR B 21 -6.82 -9.20 -2.10
C THR B 21 -8.25 -9.64 -2.29
N GLU B 22 -8.52 -10.94 -2.17
CA GLU B 22 -9.85 -11.45 -2.36
C GLU B 22 -10.84 -10.62 -1.55
N ARG B 23 -10.76 -10.68 -0.22
CA ARG B 23 -11.66 -9.87 0.57
C ARG B 23 -10.90 -9.18 1.67
N VAL B 24 -10.94 -7.85 1.67
CA VAL B 24 -10.23 -7.02 2.63
C VAL B 24 -11.12 -6.59 3.80
N ARG B 25 -10.58 -5.73 4.65
CA ARG B 25 -11.28 -5.18 5.80
C ARG B 25 -10.57 -3.92 6.24
N PHE B 26 -11.32 -2.82 6.33
CA PHE B 26 -10.75 -1.56 6.75
C PHE B 26 -11.16 -1.28 8.19
N LEU B 27 -10.32 -0.57 8.93
CA LEU B 27 -10.63 -0.29 10.31
C LEU B 27 -9.89 0.96 10.79
N HIS B 28 -10.65 1.95 11.24
CA HIS B 28 -10.09 3.19 11.75
C HIS B 28 -10.22 3.19 13.26
N ARG B 29 -9.16 3.54 13.95
CA ARG B 29 -9.18 3.56 15.41
C ARG B 29 -8.66 4.86 16.00
N ASP B 30 -9.54 5.61 16.65
CA ASP B 30 -9.15 6.86 17.29
C ASP B 30 -8.70 6.48 18.69
N ILE B 31 -7.50 6.89 19.08
CA ILE B 31 -6.97 6.52 20.38
C ILE B 31 -6.45 7.68 21.21
N TYR B 32 -7.11 7.94 22.32
CA TYR B 32 -6.64 9.00 23.21
C TYR B 32 -5.71 8.34 24.23
N ASN B 33 -4.43 8.69 24.19
CA ASN B 33 -3.42 8.12 25.09
C ASN B 33 -3.17 6.65 24.83
N GLN B 34 -4.20 5.82 25.00
CA GLN B 34 -4.01 4.40 24.76
C GLN B 34 -5.30 3.62 24.68
N GLU B 35 -6.38 4.19 25.17
CA GLU B 35 -7.64 3.48 25.10
C GLU B 35 -8.24 3.74 23.72
N GLU B 36 -8.76 2.68 23.10
CA GLU B 36 -9.38 2.81 21.78
C GLU B 36 -10.82 3.21 22.12
N ASP B 37 -11.15 4.49 21.92
CA ASP B 37 -12.48 4.98 22.27
C ASP B 37 -13.49 4.98 21.13
N LEU B 38 -13.06 5.44 19.97
CA LEU B 38 -13.95 5.47 18.82
C LEU B 38 -13.45 4.44 17.81
N ARG B 39 -14.34 3.97 16.95
CA ARG B 39 -13.96 2.99 15.96
C ARG B 39 -14.79 3.13 14.71
N PHE B 40 -14.49 2.28 13.74
CA PHE B 40 -15.18 2.22 12.46
C PHE B 40 -14.67 0.98 11.76
N ASP B 41 -15.59 0.11 11.40
CA ASP B 41 -15.27 -1.13 10.72
C ASP B 41 -16.16 -1.31 9.50
N SER B 42 -15.58 -1.76 8.40
CA SER B 42 -16.33 -1.98 7.17
C SER B 42 -17.53 -2.87 7.51
N ASP B 43 -17.22 -4.07 8.01
CA ASP B 43 -18.23 -5.05 8.41
C ASP B 43 -19.38 -4.39 9.14
N VAL B 44 -19.15 -3.16 9.59
CA VAL B 44 -20.17 -2.43 10.31
C VAL B 44 -20.75 -1.34 9.41
N GLY B 45 -19.91 -0.46 8.88
CA GLY B 45 -20.41 0.55 7.99
C GLY B 45 -20.56 1.96 8.53
N GLU B 46 -20.50 2.10 9.84
CA GLU B 46 -20.63 3.42 10.46
C GLU B 46 -19.66 3.47 11.63
N TYR B 47 -19.42 4.67 12.16
CA TYR B 47 -18.52 4.78 13.28
C TYR B 47 -19.26 4.30 14.52
N ARG B 48 -18.53 3.59 15.37
CA ARG B 48 -19.07 3.08 16.61
C ARG B 48 -18.20 3.60 17.72
N ALA B 49 -18.79 3.78 18.90
CA ALA B 49 -18.06 4.25 20.05
C ALA B 49 -17.52 2.99 20.72
N VAL B 50 -16.33 3.09 21.31
CA VAL B 50 -15.70 1.95 21.98
C VAL B 50 -15.63 2.19 23.49
N THR B 51 -15.74 3.45 23.85
CA THR B 51 -15.72 3.87 25.23
C THR B 51 -16.51 5.18 25.22
N GLU B 52 -17.22 5.44 26.31
CA GLU B 52 -18.02 6.65 26.43
C GLU B 52 -17.32 7.88 25.88
N LEU B 53 -16.04 8.01 26.19
CA LEU B 53 -15.27 9.15 25.76
C LEU B 53 -15.37 9.41 24.25
N GLY B 54 -15.66 8.38 23.46
CA GLY B 54 -15.74 8.55 22.02
C GLY B 54 -17.11 8.65 21.36
N ARG B 55 -18.18 8.57 22.15
CA ARG B 55 -19.53 8.63 21.58
C ARG B 55 -19.88 9.97 20.92
N PRO B 56 -19.60 11.10 21.58
CA PRO B 56 -19.87 12.45 21.07
C PRO B 56 -19.51 12.64 19.60
N ASP B 57 -18.38 12.04 19.22
CA ASP B 57 -17.87 12.12 17.85
C ASP B 57 -18.64 11.20 16.93
N ALA B 58 -18.76 9.93 17.34
CA ALA B 58 -19.48 8.94 16.54
C ALA B 58 -20.77 9.53 15.98
N GLU B 59 -21.69 9.91 16.86
CA GLU B 59 -22.95 10.50 16.45
C GLU B 59 -22.72 11.67 15.50
N TYR B 60 -21.67 12.44 15.75
CA TYR B 60 -21.38 13.56 14.89
C TYR B 60 -21.09 13.11 13.47
N TRP B 61 -19.95 12.48 13.28
CA TRP B 61 -19.56 12.03 11.97
C TRP B 61 -20.64 11.21 11.28
N ASN B 62 -21.30 10.34 12.02
CA ASN B 62 -22.37 9.54 11.44
C ASN B 62 -23.47 10.40 10.83
N SER B 63 -23.50 11.68 11.18
CA SER B 63 -24.55 12.56 10.67
C SER B 63 -24.19 13.15 9.31
N GLN B 64 -22.97 12.89 8.85
CA GLN B 64 -22.54 13.40 7.56
C GLN B 64 -22.44 12.27 6.56
N LYS B 65 -23.60 11.76 6.11
CA LYS B 65 -23.70 10.67 5.14
C LYS B 65 -22.47 10.65 4.24
N ASP B 66 -22.13 11.84 3.77
CA ASP B 66 -20.98 12.08 2.91
C ASP B 66 -19.80 11.28 3.46
N PHE B 67 -19.07 11.92 4.35
CA PHE B 67 -17.88 11.35 4.98
C PHE B 67 -17.96 9.86 5.30
N LEU B 68 -19.18 9.34 5.43
CA LEU B 68 -19.35 7.94 5.78
C LEU B 68 -19.29 7.06 4.55
N GLU B 69 -19.44 7.65 3.38
CA GLU B 69 -19.39 6.88 2.14
C GLU B 69 -17.93 6.77 1.78
N ASP B 70 -17.18 7.83 2.03
CA ASP B 70 -15.76 7.84 1.74
C ASP B 70 -15.03 6.75 2.54
N ARG B 71 -15.50 6.50 3.75
CA ARG B 71 -14.88 5.48 4.58
C ARG B 71 -15.35 4.11 4.14
N ARG B 72 -16.59 4.06 3.69
CA ARG B 72 -17.13 2.79 3.25
C ARG B 72 -16.39 2.28 2.01
N ALA B 73 -15.88 3.22 1.21
CA ALA B 73 -15.16 2.92 -0.03
C ALA B 73 -13.64 2.77 0.07
N ALA B 74 -13.12 2.72 1.29
CA ALA B 74 -11.69 2.58 1.51
C ALA B 74 -11.19 1.18 1.23
N VAL B 75 -12.06 0.19 1.35
CA VAL B 75 -11.64 -1.18 1.10
C VAL B 75 -11.25 -1.24 -0.36
N ASP B 76 -11.76 -0.30 -1.15
CA ASP B 76 -11.44 -0.24 -2.57
C ASP B 76 -10.42 0.83 -2.86
N THR B 77 -10.81 2.09 -2.75
CA THR B 77 -9.91 3.20 -3.07
C THR B 77 -8.71 3.40 -2.16
N TYR B 78 -8.62 2.61 -1.10
CA TYR B 78 -7.52 2.75 -0.15
C TYR B 78 -6.71 1.47 0.05
N CYS B 79 -7.38 0.43 0.52
CA CYS B 79 -6.70 -0.84 0.78
C CYS B 79 -6.18 -1.58 -0.44
N ARG B 80 -7.10 -2.12 -1.24
CA ARG B 80 -6.69 -2.84 -2.44
C ARG B 80 -5.69 -2.00 -3.23
N HIS B 81 -5.94 -0.70 -3.27
CA HIS B 81 -5.07 0.23 -3.96
C HIS B 81 -3.65 0.15 -3.40
N ASN B 82 -3.46 0.61 -2.17
CA ASN B 82 -2.14 0.58 -1.57
C ASN B 82 -1.52 -0.79 -1.63
N TYR B 83 -2.31 -1.83 -1.41
CA TYR B 83 -1.76 -3.19 -1.48
C TYR B 83 -1.05 -3.30 -2.81
N GLY B 84 -1.78 -2.98 -3.87
CA GLY B 84 -1.25 -3.04 -5.21
C GLY B 84 -0.19 -2.01 -5.54
N VAL B 85 -0.08 -0.95 -4.74
CA VAL B 85 0.94 0.06 -5.01
C VAL B 85 2.27 -0.37 -4.43
N GLY B 86 2.22 -1.29 -3.47
CA GLY B 86 3.44 -1.77 -2.85
C GLY B 86 3.74 -3.19 -3.24
N GLU B 87 2.70 -3.91 -3.65
CA GLU B 87 2.81 -5.30 -4.05
C GLU B 87 4.24 -5.70 -4.41
N SER B 88 4.76 -5.05 -5.44
CA SER B 88 6.10 -5.28 -5.96
C SER B 88 7.23 -5.40 -4.94
N PHE B 89 7.17 -4.64 -3.85
CA PHE B 89 8.24 -4.68 -2.87
C PHE B 89 7.91 -5.06 -1.44
N THR B 90 6.74 -5.64 -1.22
CA THR B 90 6.33 -6.04 0.12
C THR B 90 5.86 -7.48 0.15
N VAL B 91 4.69 -7.76 -0.42
CA VAL B 91 4.18 -9.13 -0.43
C VAL B 91 5.06 -10.06 -1.23
N GLN B 92 5.66 -9.54 -2.30
CA GLN B 92 6.53 -10.31 -3.19
C GLN B 92 7.99 -10.13 -2.85
N ARG B 93 8.27 -9.75 -1.61
CA ARG B 93 9.64 -9.54 -1.19
C ARG B 93 10.27 -10.82 -0.67
N ARG B 94 11.45 -11.13 -1.18
CA ARG B 94 12.20 -12.30 -0.76
C ARG B 94 13.65 -11.89 -0.63
N VAL B 95 14.28 -12.34 0.44
CA VAL B 95 15.70 -12.04 0.68
C VAL B 95 16.33 -13.28 1.33
N GLU B 96 17.22 -13.91 0.58
CA GLU B 96 17.92 -15.13 1.00
C GLU B 96 18.58 -14.94 2.34
N PRO B 97 18.41 -15.92 3.24
CA PRO B 97 19.01 -15.85 4.57
C PRO B 97 20.52 -15.83 4.49
N LYS B 98 21.14 -16.64 5.34
CA LYS B 98 22.58 -16.77 5.40
C LYS B 98 22.75 -17.49 6.72
N VAL B 99 23.12 -18.76 6.64
CA VAL B 99 23.31 -19.56 7.83
C VAL B 99 24.77 -19.88 8.11
N THR B 100 25.11 -19.89 9.40
CA THR B 100 26.47 -20.19 9.84
C THR B 100 26.30 -21.10 11.04
N VAL B 101 27.37 -21.81 11.39
CA VAL B 101 27.32 -22.74 12.51
C VAL B 101 28.45 -22.50 13.50
N TYR B 102 28.12 -22.52 14.78
CA TYR B 102 29.12 -22.33 15.81
C TYR B 102 28.64 -22.98 17.10
N PRO B 103 29.56 -23.59 17.87
CA PRO B 103 29.25 -24.25 19.13
C PRO B 103 29.08 -23.21 20.25
N ALA B 104 27.91 -23.21 20.86
CA ALA B 104 27.60 -22.27 21.93
C ALA B 104 28.74 -22.24 22.93
N HIS B 112 27.81 -33.01 27.23
CA HIS B 112 26.76 -32.29 26.45
C HIS B 112 27.36 -31.11 25.70
N ASN B 113 27.75 -31.33 24.45
CA ASN B 113 28.32 -30.29 23.61
C ASN B 113 27.23 -29.29 23.20
N LEU B 114 27.64 -28.15 22.65
CA LEU B 114 26.68 -27.12 22.23
C LEU B 114 26.71 -26.81 20.72
N LEU B 115 25.53 -26.56 20.17
CA LEU B 115 25.37 -26.26 18.74
C LEU B 115 24.35 -25.14 18.54
N VAL B 116 24.69 -24.15 17.71
CA VAL B 116 23.80 -23.02 17.45
C VAL B 116 23.76 -22.63 15.97
N CYS B 117 22.58 -22.75 15.36
CA CYS B 117 22.37 -22.39 13.96
C CYS B 117 21.73 -21.01 13.85
N SER B 118 22.47 -20.05 13.28
CA SER B 118 21.99 -18.68 13.14
C SER B 118 21.53 -18.33 11.71
N VAL B 119 20.25 -18.03 11.59
CA VAL B 119 19.66 -17.67 10.30
C VAL B 119 19.52 -16.15 10.25
N ASN B 120 20.33 -15.49 9.42
CA ASN B 120 20.32 -14.03 9.35
C ASN B 120 19.92 -13.33 8.05
N GLY B 121 19.35 -12.14 8.20
CA GLY B 121 18.93 -11.30 7.09
C GLY B 121 17.90 -11.82 6.12
N PHE B 122 16.91 -12.57 6.60
CA PHE B 122 15.88 -13.11 5.70
C PHE B 122 14.51 -12.43 5.76
N TYR B 123 13.66 -12.76 4.79
CA TYR B 123 12.31 -12.19 4.67
C TYR B 123 11.53 -12.94 3.58
N PRO B 124 10.25 -13.24 3.84
CA PRO B 124 9.44 -12.95 5.02
C PRO B 124 9.80 -13.72 6.27
N GLY B 125 9.02 -13.52 7.33
CA GLY B 125 9.27 -14.19 8.57
C GLY B 125 8.89 -15.65 8.57
N SER B 126 8.13 -16.09 7.56
CA SER B 126 7.73 -17.50 7.50
C SER B 126 8.97 -18.27 7.06
N ILE B 127 9.48 -19.14 7.94
CA ILE B 127 10.68 -19.92 7.63
C ILE B 127 10.73 -21.18 8.48
N GLU B 128 11.55 -22.13 8.04
CA GLU B 128 11.74 -23.38 8.76
C GLU B 128 13.21 -23.76 8.84
N VAL B 129 13.66 -24.07 10.06
CA VAL B 129 15.04 -24.48 10.29
C VAL B 129 15.11 -25.87 10.88
N ARG B 130 15.98 -26.71 10.32
CA ARG B 130 16.10 -28.09 10.78
C ARG B 130 17.51 -28.57 11.14
N TRP B 131 17.57 -29.45 12.14
CA TRP B 131 18.82 -30.02 12.62
C TRP B 131 18.88 -31.52 12.30
N PHE B 132 19.82 -31.91 11.44
CA PHE B 132 19.99 -33.29 11.04
C PHE B 132 21.31 -33.87 11.56
N ARG B 133 21.32 -35.17 11.83
CA ARG B 133 22.53 -35.85 12.31
C ARG B 133 22.75 -37.08 11.44
N ASN B 134 23.73 -36.96 10.54
CA ASN B 134 24.11 -38.04 9.60
C ASN B 134 22.97 -38.48 8.66
N SER B 135 21.78 -38.67 9.22
CA SER B 135 20.64 -39.08 8.42
C SER B 135 19.28 -39.01 9.15
N GLN B 136 19.16 -38.15 10.16
CA GLN B 136 17.88 -38.04 10.86
C GLN B 136 17.57 -36.63 11.33
N GLU B 137 16.34 -36.18 11.07
CA GLU B 137 15.89 -34.86 11.47
C GLU B 137 15.57 -34.88 12.96
N GLU B 138 16.61 -34.73 13.77
CA GLU B 138 16.49 -34.75 15.22
C GLU B 138 15.61 -33.63 15.78
N LYS B 139 14.31 -33.90 15.94
CA LYS B 139 13.38 -32.91 16.45
C LYS B 139 13.09 -33.09 17.94
N ALA B 140 14.10 -32.81 18.77
CA ALA B 140 13.98 -32.92 20.20
C ALA B 140 15.26 -32.43 20.86
N GLY B 141 15.10 -31.62 21.91
CA GLY B 141 16.25 -31.08 22.61
C GLY B 141 16.87 -29.90 21.86
N VAL B 142 16.02 -29.05 21.30
CA VAL B 142 16.47 -27.89 20.57
C VAL B 142 15.64 -26.67 20.89
N VAL B 143 16.28 -25.67 21.49
CA VAL B 143 15.61 -24.41 21.84
C VAL B 143 15.79 -23.42 20.69
N SER B 144 14.84 -22.51 20.53
CA SER B 144 14.92 -21.50 19.47
C SER B 144 14.58 -20.10 19.97
N THR B 145 15.16 -19.10 19.32
CA THR B 145 14.92 -17.71 19.67
C THR B 145 13.62 -17.24 19.05
N GLY B 146 13.06 -18.05 18.17
CA GLY B 146 11.83 -17.67 17.52
C GLY B 146 12.19 -16.65 16.46
N LEU B 147 11.18 -16.09 15.79
CA LEU B 147 11.40 -15.09 14.75
C LEU B 147 11.58 -13.72 15.40
N ILE B 148 12.65 -13.02 15.04
CA ILE B 148 12.95 -11.70 15.59
C ILE B 148 13.05 -10.57 14.54
N GLN B 149 12.22 -9.54 14.73
CA GLN B 149 12.18 -8.38 13.84
C GLN B 149 13.46 -7.54 13.95
N ASN B 150 14.06 -7.21 12.83
CA ASN B 150 15.29 -6.41 12.84
C ASN B 150 15.03 -4.91 12.65
N GLY B 151 13.90 -4.57 12.05
CA GLY B 151 13.61 -3.15 11.84
C GLY B 151 13.90 -2.70 10.42
N ASP B 152 14.67 -3.49 9.68
CA ASP B 152 15.03 -3.16 8.31
C ASP B 152 14.57 -4.24 7.34
N TRP B 153 13.31 -4.64 7.44
CA TRP B 153 12.74 -5.65 6.56
C TRP B 153 13.54 -6.93 6.41
N THR B 154 14.11 -7.42 7.52
CA THR B 154 14.86 -8.67 7.53
C THR B 154 14.74 -9.24 8.93
N PHE B 155 14.63 -10.57 9.05
CA PHE B 155 14.52 -11.25 10.33
C PHE B 155 15.79 -12.01 10.64
N GLN B 156 15.74 -12.77 11.73
CA GLN B 156 16.84 -13.60 12.17
C GLN B 156 16.34 -14.56 13.25
N THR B 157 17.06 -15.65 13.45
CA THR B 157 16.66 -16.61 14.46
C THR B 157 17.77 -17.60 14.71
N LEU B 158 17.84 -18.08 15.94
CA LEU B 158 18.86 -19.04 16.29
C LEU B 158 18.25 -20.26 16.96
N VAL B 159 18.55 -21.44 16.43
CA VAL B 159 18.05 -22.68 17.00
C VAL B 159 19.23 -23.35 17.71
N MET B 160 19.08 -23.59 19.00
CA MET B 160 20.14 -24.20 19.80
C MET B 160 19.94 -25.70 19.94
N LEU B 161 20.85 -26.47 19.34
CA LEU B 161 20.79 -27.93 19.41
C LEU B 161 21.68 -28.40 20.58
N GLU B 162 21.20 -29.40 21.32
CA GLU B 162 21.96 -29.90 22.47
C GLU B 162 22.33 -31.38 22.37
N THR B 163 23.57 -31.67 21.99
CA THR B 163 24.05 -33.05 21.88
C THR B 163 25.53 -33.19 22.21
N VAL B 164 25.97 -34.43 22.36
CA VAL B 164 27.37 -34.74 22.66
C VAL B 164 28.08 -34.98 21.32
N PRO B 165 29.20 -34.27 21.12
CA PRO B 165 29.96 -34.41 19.88
C PRO B 165 30.83 -35.66 19.81
N ARG B 166 31.29 -36.00 18.61
CA ARG B 166 32.17 -37.14 18.38
C ARG B 166 33.21 -36.75 17.35
N GLU B 169 30.77 -36.79 15.16
CA GLU B 169 30.21 -37.13 13.82
C GLU B 169 30.11 -35.87 12.96
N VAL B 170 28.91 -35.61 12.44
CA VAL B 170 28.67 -34.43 11.61
C VAL B 170 27.19 -34.11 11.52
N TYR B 171 26.78 -33.08 12.28
CA TYR B 171 25.39 -32.63 12.25
C TYR B 171 25.40 -31.35 11.46
N THR B 172 24.27 -31.05 10.84
CA THR B 172 24.18 -29.87 10.01
C THR B 172 22.84 -29.18 10.08
N CYS B 173 22.83 -27.89 9.74
CA CYS B 173 21.61 -27.11 9.76
C CYS B 173 21.07 -27.10 8.35
N GLN B 174 19.77 -27.37 8.22
CA GLN B 174 19.12 -27.37 6.92
C GLN B 174 18.11 -26.26 7.00
N VAL B 175 18.20 -25.31 6.07
CA VAL B 175 17.30 -24.17 6.07
C VAL B 175 16.52 -24.02 4.78
N GLU B 176 15.20 -23.87 4.92
CA GLU B 176 14.30 -23.70 3.78
C GLU B 176 13.44 -22.45 4.05
N HIS B 177 13.50 -21.51 3.12
CA HIS B 177 12.78 -20.24 3.23
C HIS B 177 12.24 -19.85 1.84
N PRO B 178 11.06 -19.20 1.78
CA PRO B 178 10.46 -18.80 0.51
C PRO B 178 11.32 -18.12 -0.55
N SER B 179 12.60 -17.91 -0.26
CA SER B 179 13.47 -17.26 -1.24
C SER B 179 14.53 -18.20 -1.85
N VAL B 180 14.36 -19.50 -1.61
CA VAL B 180 15.28 -20.50 -2.12
C VAL B 180 14.63 -21.89 -2.12
N THR B 181 14.28 -22.36 -3.31
CA THR B 181 13.65 -23.68 -3.49
C THR B 181 14.45 -24.83 -2.90
N SER B 182 15.70 -24.92 -3.32
CA SER B 182 16.60 -25.96 -2.84
C SER B 182 17.09 -25.61 -1.44
N PRO B 183 16.66 -26.36 -0.43
CA PRO B 183 17.07 -26.10 0.95
C PRO B 183 18.55 -25.81 1.12
N LEU B 184 18.85 -24.72 1.83
CA LEU B 184 20.22 -24.31 2.10
C LEU B 184 20.83 -25.19 3.18
N THR B 185 22.15 -25.36 3.13
CA THR B 185 22.84 -26.21 4.12
C THR B 185 24.21 -25.73 4.52
N VAL B 186 24.61 -26.12 5.74
CA VAL B 186 25.91 -25.77 6.32
C VAL B 186 26.28 -26.82 7.38
N GLU B 187 27.28 -27.64 7.07
CA GLU B 187 27.73 -28.69 7.97
C GLU B 187 28.81 -28.26 8.96
N TRP B 188 28.81 -28.88 10.14
CA TRP B 188 29.80 -28.57 11.16
C TRP B 188 30.64 -29.80 11.50
N ARG B 189 31.96 -29.68 11.30
CA ARG B 189 32.91 -30.74 11.58
C ARG B 189 33.12 -30.87 13.09
N ALA B 190 32.69 -32.00 13.65
CA ALA B 190 32.82 -32.26 15.09
C ALA B 190 33.76 -33.42 15.36
N VAL C 1 5.02 7.83 -11.28
CA VAL C 1 4.93 6.43 -10.76
C VAL C 1 3.76 6.31 -9.78
N HIS C 2 3.50 5.12 -9.25
CA HIS C 2 2.42 4.90 -8.30
C HIS C 2 2.50 5.89 -7.13
N PHE C 3 1.40 5.99 -6.38
CA PHE C 3 1.33 6.90 -5.25
C PHE C 3 0.61 6.18 -4.12
N PHE C 4 1.15 6.21 -2.90
CA PHE C 4 0.44 5.57 -1.80
C PHE C 4 -0.66 6.58 -1.47
N LYS C 5 -1.87 6.12 -1.22
CA LYS C 5 -2.94 7.05 -0.91
C LYS C 5 -3.22 7.04 0.56
N ASN C 6 -3.33 8.24 1.14
CA ASN C 6 -3.58 8.36 2.57
C ASN C 6 -5.03 8.74 2.86
N ILE C 7 -5.54 8.24 3.98
CA ILE C 7 -6.91 8.52 4.41
C ILE C 7 -6.93 9.93 4.99
N VAL C 8 -7.53 10.86 4.26
CA VAL C 8 -7.61 12.25 4.73
C VAL C 8 -8.40 12.34 6.03
N THR C 9 -7.82 12.94 7.07
CA THR C 9 -8.53 13.09 8.34
C THR C 9 -9.32 14.39 8.29
N PRO C 10 -10.65 14.32 8.44
CA PRO C 10 -11.50 15.50 8.41
C PRO C 10 -11.47 16.26 9.74
C LYS D 3 7.43 15.26 -29.78
N LYS D 4 6.79 15.93 -30.73
CA LYS D 4 5.34 16.15 -30.67
C LYS D 4 5.00 16.93 -29.41
N ASP D 5 5.46 18.18 -29.35
CA ASP D 5 5.23 19.04 -28.19
C ASP D 5 3.85 18.80 -27.61
N ILE D 6 3.81 18.52 -26.32
CA ILE D 6 2.55 18.25 -25.68
C ILE D 6 1.48 19.24 -26.14
N SER D 7 1.88 20.49 -26.38
CA SER D 7 0.95 21.52 -26.84
C SER D 7 0.06 21.03 -27.97
N ASN D 8 0.62 20.19 -28.85
CA ASN D 8 -0.15 19.65 -29.97
C ASN D 8 -0.92 18.43 -29.52
N VAL D 9 -0.28 17.59 -28.71
CA VAL D 9 -0.94 16.41 -28.17
C VAL D 9 -2.29 16.88 -27.65
N LYS D 10 -2.26 17.72 -26.63
CA LYS D 10 -3.47 18.24 -26.01
C LYS D 10 -4.59 18.65 -26.99
N SER D 11 -4.36 19.62 -27.86
CA SER D 11 -5.42 20.03 -28.78
C SER D 11 -6.00 18.84 -29.56
N ASP D 12 -5.15 17.92 -29.98
CA ASP D 12 -5.63 16.77 -30.73
C ASP D 12 -6.63 15.98 -29.91
N LEU D 13 -6.33 15.79 -28.63
CA LEU D 13 -7.20 15.07 -27.75
C LEU D 13 -8.47 15.88 -27.54
N LEU D 14 -8.32 17.12 -27.07
CA LEU D 14 -9.48 17.99 -26.87
C LEU D 14 -10.45 17.84 -28.05
N TYR D 15 -9.94 18.12 -29.24
CA TYR D 15 -10.77 18.04 -30.43
C TYR D 15 -11.28 16.64 -30.71
N ALA D 16 -10.40 15.66 -30.65
CA ALA D 16 -10.80 14.28 -30.90
C ALA D 16 -11.94 13.87 -29.99
N TYR D 17 -11.70 14.06 -28.69
CA TYR D 17 -12.67 13.70 -27.66
C TYR D 17 -13.88 14.60 -27.43
N THR D 18 -14.00 15.70 -28.17
CA THR D 18 -15.19 16.54 -28.05
C THR D 18 -16.10 15.88 -29.05
N ILE D 19 -16.83 14.87 -28.61
CA ILE D 19 -17.67 14.08 -29.51
C ILE D 19 -18.80 13.39 -28.75
N THR D 20 -19.88 13.02 -29.43
CA THR D 20 -20.93 12.30 -28.71
C THR D 20 -20.74 10.88 -29.24
N PRO D 21 -20.65 9.91 -28.33
CA PRO D 21 -20.45 8.52 -28.74
C PRO D 21 -21.65 7.87 -29.36
N TYR D 22 -21.42 6.78 -30.10
CA TYR D 22 -22.52 6.02 -30.67
C TYR D 22 -22.87 5.09 -29.50
N ASP D 23 -24.14 5.07 -29.10
CA ASP D 23 -24.58 4.28 -27.95
C ASP D 23 -25.89 3.54 -28.18
N TYR D 24 -25.88 2.52 -29.04
CA TYR D 24 -27.08 1.74 -29.37
C TYR D 24 -27.16 0.46 -28.54
N LYS D 25 -28.30 0.27 -27.87
CA LYS D 25 -28.52 -0.87 -26.98
C LYS D 25 -29.33 -2.05 -27.50
N ASP D 26 -28.73 -3.23 -27.42
CA ASP D 26 -29.35 -4.49 -27.85
C ASP D 26 -29.70 -4.50 -29.32
N CYS D 27 -28.70 -4.74 -30.15
CA CYS D 27 -28.90 -4.78 -31.59
C CYS D 27 -28.32 -6.08 -32.11
N ARG D 28 -28.77 -6.50 -33.29
CA ARG D 28 -28.31 -7.74 -33.86
C ARG D 28 -27.06 -7.55 -34.69
N VAL D 29 -26.31 -8.63 -34.82
CA VAL D 29 -25.09 -8.65 -35.62
C VAL D 29 -25.50 -9.33 -36.89
N ASN D 30 -25.51 -8.58 -37.99
CA ASN D 30 -25.88 -9.11 -39.30
C ASN D 30 -24.88 -10.15 -39.74
N PHE D 31 -23.63 -9.73 -39.88
CA PHE D 31 -22.61 -10.67 -40.27
C PHE D 31 -21.34 -10.40 -39.49
N SER D 32 -20.35 -11.29 -39.64
CA SER D 32 -19.12 -11.10 -38.91
C SER D 32 -17.93 -11.63 -39.67
N THR D 33 -16.90 -10.81 -39.75
CA THR D 33 -15.70 -11.19 -40.45
C THR D 33 -14.59 -11.11 -39.40
N THR D 34 -13.41 -10.65 -39.80
CA THR D 34 -12.31 -10.50 -38.86
C THR D 34 -12.21 -9.02 -38.57
N HIS D 35 -11.51 -8.30 -39.43
CA HIS D 35 -11.37 -6.87 -39.24
C HIS D 35 -12.68 -6.27 -38.73
N THR D 36 -13.79 -6.66 -39.36
CA THR D 36 -15.12 -6.13 -39.03
C THR D 36 -16.09 -6.92 -38.14
N LEU D 37 -17.35 -6.46 -38.16
CA LEU D 37 -18.47 -7.03 -37.40
C LEU D 37 -19.66 -6.09 -37.64
N ASN D 38 -20.65 -6.55 -38.42
CA ASN D 38 -21.81 -5.71 -38.76
C ASN D 38 -22.97 -5.77 -37.77
N ILE D 39 -23.48 -4.61 -37.39
CA ILE D 39 -24.57 -4.57 -36.42
C ILE D 39 -25.74 -3.75 -36.94
N ASP D 40 -26.93 -4.33 -36.93
CA ASP D 40 -28.13 -3.67 -37.44
C ASP D 40 -28.79 -2.65 -36.52
N THR D 41 -28.24 -1.44 -36.48
CA THR D 41 -28.79 -0.39 -35.65
C THR D 41 -30.09 0.20 -36.23
N GLN D 42 -30.89 -0.67 -36.84
CA GLN D 42 -32.15 -0.24 -37.47
C GLN D 42 -33.17 0.43 -36.58
N LYS D 43 -33.41 -0.10 -35.39
CA LYS D 43 -34.41 0.52 -34.51
C LYS D 43 -33.95 1.78 -33.79
N TYR D 44 -32.89 2.40 -34.30
CA TYR D 44 -32.37 3.62 -33.69
C TYR D 44 -32.28 4.77 -34.67
N ARG D 45 -31.42 4.62 -35.68
CA ARG D 45 -31.23 5.68 -36.66
C ARG D 45 -32.25 5.63 -37.79
N GLY D 46 -32.19 4.61 -38.63
CA GLY D 46 -33.15 4.56 -39.73
C GLY D 46 -33.27 3.26 -40.48
N LYS D 47 -33.99 3.33 -41.61
CA LYS D 47 -34.23 2.18 -42.46
C LYS D 47 -32.99 1.87 -43.31
N ASP D 48 -32.41 0.69 -43.08
CA ASP D 48 -31.21 0.22 -43.78
C ASP D 48 -29.86 0.71 -43.23
N TYR D 49 -29.89 1.35 -42.06
CA TYR D 49 -28.69 1.87 -41.39
C TYR D 49 -28.00 0.76 -40.60
N TYR D 50 -26.82 1.06 -40.05
CA TYR D 50 -26.09 0.07 -39.28
C TYR D 50 -24.82 0.62 -38.64
N ILE D 51 -24.01 -0.27 -38.08
CA ILE D 51 -22.73 0.09 -37.43
C ILE D 51 -21.65 -0.95 -37.74
N SER D 52 -20.52 -0.50 -38.27
CA SER D 52 -19.43 -1.40 -38.59
C SER D 52 -18.29 -1.21 -37.59
N SER D 53 -18.13 -2.18 -36.70
CA SER D 53 -17.10 -2.09 -35.69
C SER D 53 -15.85 -2.82 -36.12
N GLU D 54 -14.77 -2.04 -36.27
CA GLU D 54 -13.47 -2.57 -36.67
C GLU D 54 -12.80 -3.12 -35.43
N MET D 55 -12.25 -4.32 -35.51
CA MET D 55 -11.60 -4.88 -34.34
C MET D 55 -10.60 -5.99 -34.64
N SER D 56 -9.69 -6.18 -33.70
CA SER D 56 -8.66 -7.20 -33.81
C SER D 56 -9.29 -8.57 -34.11
N TYR D 57 -8.48 -9.49 -34.63
CA TYR D 57 -8.95 -10.84 -34.94
C TYR D 57 -9.51 -11.51 -33.69
N GLU D 58 -8.63 -11.66 -32.70
CA GLU D 58 -8.96 -12.28 -31.41
C GLU D 58 -10.35 -11.92 -30.98
N ALA D 59 -10.61 -10.61 -30.92
CA ALA D 59 -11.89 -10.08 -30.51
C ALA D 59 -12.92 -10.27 -31.60
N SER D 60 -12.51 -10.02 -32.84
CA SER D 60 -13.38 -10.13 -34.00
C SER D 60 -14.01 -11.50 -34.19
N GLN D 61 -13.58 -12.49 -33.40
CA GLN D 61 -14.10 -13.84 -33.55
C GLN D 61 -14.98 -14.36 -32.43
N LYS D 62 -15.12 -13.60 -31.34
CA LYS D 62 -15.97 -14.06 -30.25
C LYS D 62 -17.44 -13.83 -30.55
N PHE D 63 -17.73 -12.86 -31.40
CA PHE D 63 -19.11 -12.55 -31.77
C PHE D 63 -19.45 -13.19 -33.12
N LYS D 64 -20.72 -13.53 -33.33
CA LYS D 64 -21.19 -14.15 -34.58
C LYS D 64 -22.63 -13.77 -34.91
N ARG D 65 -22.93 -13.66 -36.20
CA ARG D 65 -24.26 -13.30 -36.71
C ARG D 65 -25.43 -13.63 -35.78
N ASP D 66 -26.52 -12.88 -35.91
CA ASP D 66 -27.73 -13.11 -35.10
C ASP D 66 -27.52 -12.79 -33.62
N ASP D 67 -26.26 -12.58 -33.23
CA ASP D 67 -25.93 -12.24 -31.86
C ASP D 67 -26.58 -10.93 -31.43
N HIS D 68 -26.94 -10.83 -30.15
CA HIS D 68 -27.51 -9.60 -29.60
C HIS D 68 -26.38 -8.92 -28.83
N VAL D 69 -26.16 -7.64 -29.09
CA VAL D 69 -25.06 -6.93 -28.47
C VAL D 69 -25.34 -5.44 -28.23
N ASP D 70 -24.53 -4.83 -27.36
CA ASP D 70 -24.60 -3.41 -27.01
C ASP D 70 -23.44 -2.69 -27.67
N VAL D 71 -23.71 -1.60 -28.38
CA VAL D 71 -22.67 -0.82 -29.03
C VAL D 71 -22.41 0.45 -28.26
N PHE D 72 -21.14 0.85 -28.20
CA PHE D 72 -20.73 2.07 -27.50
C PHE D 72 -19.38 2.47 -28.03
N GLY D 73 -19.35 3.18 -29.13
CA GLY D 73 -18.07 3.55 -29.69
C GLY D 73 -17.99 4.98 -30.17
N LEU D 74 -16.76 5.47 -30.17
CA LEU D 74 -16.44 6.82 -30.62
C LEU D 74 -16.07 6.68 -32.09
N PHE D 75 -16.74 7.46 -32.94
CA PHE D 75 -16.50 7.39 -34.37
C PHE D 75 -15.20 8.02 -34.82
N TYR D 76 -14.86 7.78 -36.08
CA TYR D 76 -13.67 8.33 -36.66
C TYR D 76 -13.93 8.75 -38.11
N ILE D 77 -15.21 8.66 -38.52
CA ILE D 77 -15.65 9.05 -39.86
C ILE D 77 -17.14 9.37 -39.85
N LEU D 78 -17.60 10.27 -40.71
CA LEU D 78 -19.03 10.60 -40.73
C LEU D 78 -19.64 10.78 -42.13
N ASN D 79 -20.89 11.26 -42.14
CA ASN D 79 -21.69 11.52 -43.34
C ASN D 79 -21.47 10.50 -44.45
N SER D 80 -21.35 9.24 -44.07
CA SER D 80 -21.11 8.19 -45.05
C SER D 80 -22.32 7.30 -45.39
N HIS D 81 -23.41 7.94 -45.80
CA HIS D 81 -24.65 7.23 -46.20
C HIS D 81 -25.43 6.59 -45.07
N THR D 82 -25.50 5.26 -45.12
CA THR D 82 -26.23 4.45 -44.14
C THR D 82 -25.29 3.85 -43.08
N GLY D 83 -23.99 3.90 -43.35
CA GLY D 83 -23.03 3.33 -42.43
C GLY D 83 -22.47 4.25 -41.36
N GLU D 84 -21.97 3.60 -40.31
CA GLU D 84 -21.35 4.24 -39.16
C GLU D 84 -20.17 3.36 -38.81
N TYR D 85 -19.01 3.97 -38.59
CA TYR D 85 -17.79 3.21 -38.33
C TYR D 85 -17.02 3.56 -37.06
N ILE D 86 -16.76 2.53 -36.26
CA ILE D 86 -16.04 2.68 -35.00
C ILE D 86 -15.07 1.53 -34.80
N TYR D 87 -14.33 1.57 -33.69
CA TYR D 87 -13.37 0.52 -33.36
C TYR D 87 -13.92 -0.10 -32.08
N GLY D 88 -14.05 -1.42 -32.05
CA GLY D 88 -14.57 -2.05 -30.85
C GLY D 88 -15.88 -1.43 -30.40
N GLY D 89 -16.06 -1.34 -29.08
CA GLY D 89 -17.28 -0.76 -28.52
C GLY D 89 -18.44 -1.74 -28.53
N ILE D 90 -18.11 -3.02 -28.55
CA ILE D 90 -19.10 -4.10 -28.59
C ILE D 90 -19.00 -5.08 -27.42
N THR D 91 -20.10 -5.24 -26.67
CA THR D 91 -20.14 -6.17 -25.52
C THR D 91 -21.44 -6.98 -25.52
N PRO D 92 -21.40 -8.19 -24.96
CA PRO D 92 -22.62 -9.00 -24.92
C PRO D 92 -23.74 -8.10 -24.40
N ALA D 93 -24.87 -8.06 -25.08
CA ALA D 93 -25.95 -7.20 -24.61
C ALA D 93 -26.31 -7.44 -23.15
N GLN D 94 -26.73 -6.35 -22.51
CA GLN D 94 -27.14 -6.32 -21.12
C GLN D 94 -28.64 -6.50 -21.14
N ASN D 95 -29.16 -7.43 -20.35
CA ASN D 95 -30.60 -7.69 -20.35
C ASN D 95 -31.30 -7.10 -19.12
N ASN D 96 -30.70 -7.28 -17.95
CA ASN D 96 -31.26 -6.78 -16.70
C ASN D 96 -30.71 -5.40 -16.43
N LYS D 97 -31.56 -4.51 -15.94
CA LYS D 97 -31.12 -3.16 -15.61
C LYS D 97 -30.12 -3.24 -14.45
N VAL D 98 -29.03 -2.47 -14.56
CA VAL D 98 -27.99 -2.43 -13.53
C VAL D 98 -27.45 -1.00 -13.41
N ASN D 99 -26.69 -0.72 -12.36
CA ASN D 99 -26.09 0.59 -12.18
C ASN D 99 -24.87 0.42 -11.29
N HIS D 100 -23.73 0.87 -11.77
CA HIS D 100 -22.47 0.75 -11.03
C HIS D 100 -21.79 2.09 -10.77
N LYS D 101 -21.88 2.57 -9.54
CA LYS D 101 -21.23 3.84 -9.20
C LYS D 101 -19.74 3.53 -9.06
N LEU D 102 -18.89 4.15 -9.89
CA LEU D 102 -17.45 3.88 -9.81
C LEU D 102 -16.75 4.68 -8.72
N LEU D 103 -15.77 4.07 -8.09
CA LEU D 103 -15.01 4.74 -7.06
C LEU D 103 -13.68 5.21 -7.68
N GLY D 104 -13.14 6.32 -7.20
CA GLY D 104 -11.88 6.78 -7.76
C GLY D 104 -11.07 7.80 -6.97
N ASN D 105 -9.74 7.72 -7.15
CA ASN D 105 -8.79 8.62 -6.50
C ASN D 105 -8.25 9.59 -7.55
N LEU D 106 -8.09 10.85 -7.19
CA LEU D 106 -7.56 11.82 -8.16
C LEU D 106 -6.28 12.46 -7.67
N PHE D 107 -5.15 11.91 -8.06
CA PHE D 107 -3.86 12.46 -7.64
C PHE D 107 -3.33 13.45 -8.67
N ILE D 108 -3.10 14.70 -8.25
CA ILE D 108 -2.54 15.69 -9.15
C ILE D 108 -1.15 16.05 -8.63
N SER D 109 -0.13 15.81 -9.44
CA SER D 109 1.23 16.12 -9.05
C SER D 109 1.29 17.56 -8.61
N GLY D 110 1.23 17.78 -7.30
CA GLY D 110 1.27 19.14 -6.77
C GLY D 110 0.14 19.49 -5.82
N GLU D 111 -1.07 19.04 -6.14
CA GLU D 111 -2.22 19.31 -5.29
C GLU D 111 -2.47 18.17 -4.32
N SER D 112 -3.40 18.39 -3.38
CA SER D 112 -3.73 17.38 -2.39
C SER D 112 -4.60 16.28 -2.97
N GLN D 113 -4.55 15.10 -2.35
CA GLN D 113 -5.35 13.97 -2.81
C GLN D 113 -6.79 14.44 -2.82
N GLN D 114 -7.58 13.83 -3.68
CA GLN D 114 -8.99 14.19 -3.82
C GLN D 114 -9.63 12.95 -4.41
N ASN D 115 -10.84 12.58 -3.98
CA ASN D 115 -11.46 11.39 -4.56
C ASN D 115 -12.74 11.68 -5.32
N LEU D 116 -12.87 11.05 -6.48
CA LEU D 116 -14.02 11.28 -7.33
C LEU D 116 -15.03 10.16 -7.29
N ASN D 117 -15.37 9.72 -6.08
CA ASN D 117 -16.34 8.64 -5.93
C ASN D 117 -17.72 8.98 -6.44
N ASN D 118 -18.44 7.92 -6.80
CA ASN D 118 -19.80 7.99 -7.30
C ASN D 118 -20.10 9.19 -8.16
N LYS D 119 -19.17 9.53 -9.05
CA LYS D 119 -19.39 10.64 -9.95
C LYS D 119 -19.52 10.14 -11.39
N ILE D 120 -19.40 8.82 -11.57
CA ILE D 120 -19.53 8.17 -12.88
C ILE D 120 -20.28 6.85 -12.69
N ILE D 121 -21.30 6.62 -13.51
CA ILE D 121 -22.12 5.40 -13.41
C ILE D 121 -22.18 4.56 -14.69
N LEU D 122 -21.78 3.29 -14.57
CA LEU D 122 -21.82 2.40 -15.72
C LEU D 122 -23.09 1.59 -15.63
N GLU D 123 -23.74 1.40 -16.76
CA GLU D 123 -24.99 0.65 -16.80
C GLU D 123 -24.87 -0.73 -17.46
N LYS D 124 -23.69 -1.32 -17.40
CA LYS D 124 -23.45 -2.65 -17.98
C LYS D 124 -22.62 -3.47 -17.01
N ASP D 125 -22.81 -4.79 -17.03
CA ASP D 125 -22.06 -5.67 -16.15
C ASP D 125 -20.68 -5.91 -16.75
N ILE D 126 -20.65 -6.02 -18.07
CA ILE D 126 -19.42 -6.24 -18.83
C ILE D 126 -19.20 -4.99 -19.64
N VAL D 127 -18.06 -4.33 -19.45
CA VAL D 127 -17.82 -3.11 -20.20
C VAL D 127 -16.45 -3.03 -20.82
N THR D 128 -16.40 -2.25 -21.89
CA THR D 128 -15.19 -2.01 -22.67
C THR D 128 -14.39 -0.86 -22.10
N PHE D 129 -13.07 -1.00 -22.11
CA PHE D 129 -12.25 0.09 -21.62
C PHE D 129 -12.57 1.33 -22.41
N GLN D 130 -12.98 1.17 -23.67
CA GLN D 130 -13.33 2.35 -24.45
C GLN D 130 -14.35 3.10 -23.62
N GLU D 131 -15.51 2.49 -23.43
CA GLU D 131 -16.58 3.10 -22.65
C GLU D 131 -16.09 3.65 -21.32
N ILE D 132 -15.23 2.94 -20.60
CA ILE D 132 -14.78 3.49 -19.34
C ILE D 132 -13.86 4.67 -19.61
N ASP D 133 -12.92 4.48 -20.52
CA ASP D 133 -11.98 5.53 -20.83
C ASP D 133 -12.69 6.79 -21.29
N PHE D 134 -13.72 6.64 -22.11
CA PHE D 134 -14.41 7.81 -22.58
C PHE D 134 -15.00 8.66 -21.49
N LYS D 135 -15.93 8.10 -20.71
CA LYS D 135 -16.59 8.84 -19.64
C LYS D 135 -15.64 9.54 -18.65
N ILE D 136 -14.61 8.84 -18.20
CA ILE D 136 -13.67 9.45 -17.27
C ILE D 136 -13.02 10.66 -17.93
N ARG D 137 -12.63 10.53 -19.19
CA ARG D 137 -12.03 11.64 -19.91
C ARG D 137 -13.01 12.78 -20.04
N LYS D 138 -14.22 12.47 -20.48
CA LYS D 138 -15.24 13.50 -20.63
C LYS D 138 -15.42 14.26 -19.31
N TYR D 139 -15.52 13.53 -18.22
CA TYR D 139 -15.68 14.15 -16.91
C TYR D 139 -14.50 15.09 -16.63
N LEU D 140 -13.29 14.55 -16.79
CA LEU D 140 -12.06 15.29 -16.57
C LEU D 140 -12.03 16.53 -17.43
N MET D 141 -12.52 16.42 -18.65
CA MET D 141 -12.54 17.57 -19.54
C MET D 141 -13.53 18.58 -18.95
N ASP D 142 -14.79 18.17 -18.88
CA ASP D 142 -15.85 19.02 -18.35
C ASP D 142 -15.55 19.76 -17.06
N ASN D 143 -14.66 19.25 -16.22
CA ASN D 143 -14.38 19.95 -14.98
C ASN D 143 -12.95 20.40 -14.78
N TYR D 144 -12.00 19.63 -15.28
CA TYR D 144 -10.62 20.00 -15.10
C TYR D 144 -10.00 20.58 -16.36
N LYS D 145 -10.78 20.58 -17.46
CA LYS D 145 -10.31 21.12 -18.72
C LYS D 145 -8.93 20.60 -19.06
N ILE D 146 -8.71 19.32 -18.80
CA ILE D 146 -7.43 18.69 -19.01
C ILE D 146 -6.83 18.78 -20.43
N TYR D 147 -7.60 19.24 -21.42
CA TYR D 147 -7.05 19.30 -22.78
C TYR D 147 -7.09 20.69 -23.35
N ASP D 148 -7.61 21.62 -22.57
CA ASP D 148 -7.73 23.01 -22.97
C ASP D 148 -6.38 23.65 -23.21
N ALA D 149 -6.28 24.46 -24.27
CA ALA D 149 -5.04 25.13 -24.62
C ALA D 149 -4.35 25.75 -23.41
N THR D 150 -5.14 26.19 -22.45
CA THR D 150 -4.63 26.84 -21.24
C THR D 150 -4.31 25.92 -20.07
N SER D 151 -4.92 24.75 -20.04
CA SER D 151 -4.68 23.81 -18.94
C SER D 151 -3.21 23.60 -18.67
N PRO D 152 -2.82 23.55 -17.38
CA PRO D 152 -1.44 23.35 -16.96
C PRO D 152 -0.94 21.97 -17.31
N TYR D 153 -1.58 20.97 -16.74
CA TYR D 153 -1.23 19.55 -16.92
C TYR D 153 -0.41 19.28 -18.18
N VAL D 154 0.79 18.73 -17.99
CA VAL D 154 1.67 18.41 -19.11
C VAL D 154 1.60 16.92 -19.39
N SER D 155 0.99 16.17 -18.47
CA SER D 155 0.86 14.72 -18.61
C SER D 155 0.02 14.10 -17.51
N GLY D 156 -0.36 12.84 -17.69
CA GLY D 156 -1.18 12.14 -16.70
C GLY D 156 -1.70 10.85 -17.27
N ARG D 157 -2.44 10.09 -16.46
CA ARG D 157 -2.98 8.82 -16.94
C ARG D 157 -4.17 8.33 -16.16
N ILE D 158 -4.71 7.20 -16.59
CA ILE D 158 -5.84 6.58 -15.93
C ILE D 158 -5.39 5.18 -15.51
N GLU D 159 -5.71 4.78 -14.28
CA GLU D 159 -5.37 3.43 -13.84
C GLU D 159 -6.65 2.64 -13.52
N ILE D 160 -6.90 1.56 -14.23
CA ILE D 160 -8.09 0.81 -13.95
C ILE D 160 -7.86 -0.27 -12.90
N GLY D 161 -8.11 0.10 -11.64
CA GLY D 161 -7.92 -0.82 -10.52
C GLY D 161 -8.90 -1.98 -10.50
N THR D 162 -8.34 -3.17 -10.35
CA THR D 162 -9.12 -4.38 -10.32
C THR D 162 -9.07 -4.89 -8.89
N LYS D 163 -9.97 -5.78 -8.55
CA LYS D 163 -10.04 -6.34 -7.21
C LYS D 163 -8.95 -7.37 -6.99
N ASP D 164 -8.30 -7.77 -8.08
CA ASP D 164 -7.22 -8.72 -7.92
C ASP D 164 -6.04 -7.97 -7.30
N GLY D 165 -6.08 -6.64 -7.38
CA GLY D 165 -5.02 -5.83 -6.83
C GLY D 165 -4.09 -5.30 -7.90
N LYS D 166 -4.58 -5.20 -9.14
CA LYS D 166 -3.76 -4.74 -10.24
C LYS D 166 -4.25 -3.43 -10.88
N HIS D 167 -3.39 -2.77 -11.65
CA HIS D 167 -3.75 -1.53 -12.33
C HIS D 167 -3.39 -1.59 -13.84
N GLU D 168 -4.25 -1.04 -14.67
CA GLU D 168 -4.02 -0.98 -16.12
C GLU D 168 -3.98 0.49 -16.54
N GLN D 169 -2.83 0.93 -17.02
CA GLN D 169 -2.65 2.32 -17.43
C GLN D 169 -3.29 2.68 -18.78
N ILE D 170 -3.71 3.95 -18.91
CA ILE D 170 -4.31 4.45 -20.15
C ILE D 170 -3.92 5.93 -20.31
N ASP D 171 -2.72 6.17 -20.83
CA ASP D 171 -2.20 7.52 -21.03
C ASP D 171 -3.28 8.51 -21.47
N LEU D 172 -3.35 9.64 -20.77
CA LEU D 172 -4.35 10.67 -21.08
C LEU D 172 -3.89 11.68 -22.12
N PHE D 173 -2.59 11.90 -22.25
CA PHE D 173 -2.08 12.83 -23.25
C PHE D 173 -1.23 12.04 -24.23
N ASP D 174 -1.88 11.40 -25.21
CA ASP D 174 -1.16 10.61 -26.20
C ASP D 174 -1.79 10.73 -27.58
N SER D 175 -1.09 11.42 -28.49
CA SER D 175 -1.62 11.61 -29.83
C SER D 175 -0.65 11.04 -30.87
N PRO D 176 -0.83 9.76 -31.25
CA PRO D 176 0.02 9.10 -32.23
C PRO D 176 -0.26 9.52 -33.68
N ASN D 177 0.80 9.59 -34.50
CA ASN D 177 0.69 9.98 -35.91
C ASN D 177 0.04 11.37 -36.10
N GLU D 178 -0.67 11.55 -37.21
CA GLU D 178 -1.33 12.81 -37.50
C GLU D 178 -2.09 13.36 -36.30
N GLY D 179 -2.62 12.46 -35.48
CA GLY D 179 -3.35 12.86 -34.31
C GLY D 179 -4.83 13.09 -34.61
N THR D 180 -5.41 12.20 -35.41
CA THR D 180 -6.82 12.32 -35.75
C THR D 180 -7.64 11.25 -35.02
N ARG D 181 -8.94 11.47 -34.96
CA ARG D 181 -9.82 10.52 -34.30
C ARG D 181 -9.58 9.12 -34.78
N SER D 182 -8.98 8.98 -35.96
CA SER D 182 -8.68 7.64 -36.50
C SER D 182 -7.44 7.07 -35.86
N ASP D 183 -6.49 7.94 -35.56
CA ASP D 183 -5.25 7.49 -34.93
C ASP D 183 -5.56 7.24 -33.46
N ILE D 184 -6.06 8.29 -32.81
CA ILE D 184 -6.38 8.23 -31.40
C ILE D 184 -7.36 7.13 -30.99
N PHE D 185 -8.39 6.92 -31.79
CA PHE D 185 -9.41 5.92 -31.47
C PHE D 185 -9.23 4.54 -32.04
N ALA D 186 -8.06 4.21 -32.55
CA ALA D 186 -7.90 2.88 -33.10
C ALA D 186 -7.24 1.91 -32.11
N LYS D 187 -6.82 2.44 -30.97
CA LYS D 187 -6.22 1.59 -29.95
C LYS D 187 -7.35 0.73 -29.38
N TYR D 188 -8.59 1.15 -29.67
CA TYR D 188 -9.79 0.46 -29.21
C TYR D 188 -10.10 -0.78 -30.02
N LYS D 189 -9.27 -1.06 -31.01
CA LYS D 189 -9.50 -2.25 -31.84
C LYS D 189 -9.55 -3.49 -30.94
N ASP D 190 -8.62 -3.62 -30.01
CA ASP D 190 -8.59 -4.78 -29.14
C ASP D 190 -9.92 -5.06 -28.46
N ASN D 191 -10.90 -4.19 -28.66
CA ASN D 191 -12.22 -4.35 -28.05
C ASN D 191 -12.15 -4.83 -26.59
N ARG D 192 -11.02 -4.56 -25.90
CA ARG D 192 -10.84 -4.96 -24.50
C ARG D 192 -12.02 -4.59 -23.63
N ILE D 193 -12.46 -5.55 -22.80
CA ILE D 193 -13.58 -5.33 -21.90
C ILE D 193 -13.20 -5.71 -20.46
N ILE D 194 -14.16 -5.50 -19.55
CA ILE D 194 -13.96 -5.81 -18.15
C ILE D 194 -15.29 -6.18 -17.50
N ASN D 195 -15.22 -7.05 -16.52
CA ASN D 195 -16.41 -7.47 -15.82
C ASN D 195 -16.41 -6.71 -14.50
N MET D 196 -17.41 -5.86 -14.29
CA MET D 196 -17.46 -5.07 -13.07
C MET D 196 -17.33 -5.84 -11.76
N LYS D 197 -17.58 -7.14 -11.79
CA LYS D 197 -17.46 -7.95 -10.60
C LYS D 197 -16.01 -7.85 -10.15
N ASN D 198 -15.14 -7.50 -11.10
CA ASN D 198 -13.71 -7.36 -10.84
C ASN D 198 -13.21 -5.93 -10.80
N PHE D 199 -14.05 -4.97 -11.15
CA PHE D 199 -13.58 -3.59 -11.10
C PHE D 199 -13.62 -3.11 -9.67
N SER D 200 -12.45 -2.75 -9.16
CA SER D 200 -12.33 -2.26 -7.79
C SER D 200 -12.52 -0.75 -7.71
N HIS D 201 -11.64 -0.03 -8.40
CA HIS D 201 -11.69 1.43 -8.42
C HIS D 201 -10.74 1.87 -9.51
N PHE D 202 -10.65 3.19 -9.71
CA PHE D 202 -9.72 3.74 -10.68
C PHE D 202 -8.94 4.88 -10.06
N ASP D 203 -7.77 5.13 -10.62
CA ASP D 203 -6.89 6.18 -10.13
C ASP D 203 -6.56 7.15 -11.26
N ILE D 204 -6.49 8.43 -10.94
CA ILE D 204 -6.16 9.44 -11.93
C ILE D 204 -4.91 10.20 -11.52
N TYR D 205 -3.99 10.40 -12.47
CA TYR D 205 -2.75 11.13 -12.19
C TYR D 205 -2.61 12.27 -13.17
N LEU D 206 -2.40 13.46 -12.65
CA LEU D 206 -2.24 14.63 -13.52
C LEU D 206 -1.03 15.43 -13.04
N GLU D 207 -0.06 15.62 -13.95
CA GLU D 207 1.16 16.38 -13.64
C GLU D 207 1.08 17.84 -14.08
N LYS D 208 1.70 18.70 -13.26
CA LYS D 208 1.74 20.14 -13.48
C LYS D 208 0.44 20.80 -13.05
#